data_5MWT
#
_entry.id   5MWT
#
_cell.length_a   43.290
_cell.length_b   58.250
_cell.length_c   111.240
_cell.angle_alpha   90.000
_cell.angle_beta   90.000
_cell.angle_gamma   90.000
#
_symmetry.space_group_name_H-M   'P 21 21 21'
#
loop_
_entity.id
_entity.type
_entity.pdbx_description
1 polymer Galectin-1
2 non-polymer BETA-MERCAPTOETHANOL
3 non-polymer ~{N}-[(2~{R},3~{R},4~{R},5~{S},6~{R})-5-[(2~{S},3~{R},4~{S},5~{S},6~{R})-4-[[1-[[3-[(~{Z})-3-[bis(azanyl)methylideneamino]prop-1-enyl]phenyl]methyl]-1,2,3-triazol-4-yl]methoxy]-6-(hydroxymethyl)-3,5-bis(oxidanyl)oxan-2-yl]oxy-6-(hydroxymethyl)-4-oxidanyl-2-prop-2-enoxy-oxan-3-yl]ethanamide
4 non-polymer 'SULFATE ION'
5 water water
#
_entity_poly.entity_id   1
_entity_poly.type   'polypeptide(L)'
_entity_poly.pdbx_seq_one_letter_code
;CGLVASNLNLKPGE(CME)LRVRGEVAPDAKSFVLNLGKDSNNLCLHFNPRFNAHGDANTIVCNSKDGGAWGTEQREAVF
PFQPGSVAEV(CME)ITFDQANLTVKLPDGYEFKFPNRLNLEAINYMAADGDFKIK(CME)VAFD
;
_entity_poly.pdbx_strand_id   A,B
#
loop_
_chem_comp.id
_chem_comp.type
_chem_comp.name
_chem_comp.formula
BME non-polymer BETA-MERCAPTOETHANOL 'C2 H6 O S'
JB9 non-polymer ~{N}-[(2~{R},3~{R},4~{R},5~{S},6~{R})-5-[(2~{S},3~{R},4~{S},5~{S},6~{R})-4-[[1-[[3-[(~{Z})-3-[bis(azanyl)methylideneamino]prop-1-enyl]phenyl]methyl]-1,2,3-triazol-4-yl]methoxy]-6-(hydroxymethyl)-3,5-bis(oxidanyl)oxan-2-yl]oxy-6-(hydroxymethyl)-4-oxidanyl-2-prop-2-enoxy-oxan-3-yl]ethanamide 'C31 H45 N7 O11'
SO4 non-polymer 'SULFATE ION' 'O4 S -2'
#
# COMPACT_ATOMS: atom_id res chain seq x y z
N CYS A 1 -13.77 -5.07 -2.71
CA CYS A 1 -12.85 -4.06 -3.23
C CYS A 1 -11.41 -4.39 -2.86
N GLY A 2 -10.47 -3.91 -3.66
CA GLY A 2 -9.07 -4.21 -3.47
C GLY A 2 -8.35 -3.12 -2.67
N LEU A 3 -7.03 -3.25 -2.65
N LEU A 3 -7.03 -3.25 -2.64
CA LEU A 3 -6.19 -2.33 -1.88
CA LEU A 3 -6.19 -2.32 -1.90
C LEU A 3 -6.42 -0.88 -2.32
C LEU A 3 -6.46 -0.88 -2.32
N VAL A 4 -6.61 0.00 -1.33
CA VAL A 4 -6.70 1.44 -1.56
C VAL A 4 -5.60 2.09 -0.73
N ALA A 5 -4.80 2.94 -1.38
CA ALA A 5 -3.73 3.65 -0.70
C ALA A 5 -3.81 5.13 -1.02
N SER A 6 -3.58 5.97 -0.01
CA SER A 6 -3.59 7.41 -0.18
C SER A 6 -2.35 8.00 0.49
N ASN A 7 -2.10 9.28 0.21
CA ASN A 7 -0.89 9.98 0.64
C ASN A 7 0.36 9.39 0.00
N LEU A 8 0.24 8.84 -1.21
CA LEU A 8 1.40 8.25 -1.87
C LEU A 8 2.48 9.29 -2.15
N ASN A 9 2.08 10.52 -2.47
CA ASN A 9 3.02 11.59 -2.80
C ASN A 9 4.04 11.14 -3.85
N LEU A 10 3.55 10.42 -4.86
CA LEU A 10 4.39 10.01 -5.98
C LEU A 10 4.65 11.22 -6.88
N LYS A 11 5.90 11.60 -7.01
CA LYS A 11 6.29 12.78 -7.76
C LYS A 11 6.74 12.42 -9.16
N PRO A 12 6.72 13.38 -10.10
CA PRO A 12 7.12 13.07 -11.48
C PRO A 12 8.49 12.41 -11.52
N GLY A 13 8.62 11.40 -12.38
CA GLY A 13 9.84 10.66 -12.53
C GLY A 13 10.02 9.51 -11.55
N GLU A 14 9.19 9.44 -10.51
CA GLU A 14 9.27 8.36 -9.53
C GLU A 14 8.47 7.16 -10.03
N CME A 15 8.90 5.96 -9.64
CA CME A 15 8.36 4.72 -10.17
CB CME A 15 9.45 3.76 -10.64
SG CME A 15 8.89 2.25 -11.34
SD CME A 15 8.21 2.67 -13.29
CE CME A 15 9.62 2.72 -14.34
CZ CME A 15 10.33 1.39 -14.45
OH CME A 15 11.35 1.54 -15.43
C CME A 15 7.52 4.00 -9.13
O CME A 15 7.92 3.68 -8.01
H CME A 15 9.63 5.80 -8.97
HA CME A 15 7.70 4.98 -11.05
HB2 CME A 15 10.13 4.29 -11.37
HB3 CME A 15 10.08 3.42 -9.78
HE2 CME A 15 10.30 3.47 -13.85
HE3 CME A 15 9.38 3.10 -15.36
HZ2 CME A 15 9.61 0.58 -14.77
HZ3 CME A 15 10.79 1.10 -13.47
HH CME A 15 11.70 0.66 -15.60
N LEU A 16 6.28 3.72 -9.55
CA LEU A 16 5.35 2.92 -8.76
C LEU A 16 5.30 1.50 -9.33
N ARG A 17 5.66 0.51 -8.52
CA ARG A 17 5.69 -0.88 -8.92
C ARG A 17 4.62 -1.66 -8.16
N VAL A 18 3.81 -2.41 -8.89
CA VAL A 18 2.74 -3.21 -8.31
C VAL A 18 2.84 -4.62 -8.89
N ARG A 19 2.98 -5.62 -8.02
CA ARG A 19 3.02 -7.01 -8.43
C ARG A 19 1.89 -7.77 -7.77
N GLY A 20 1.18 -8.58 -8.55
CA GLY A 20 0.06 -9.34 -8.03
C GLY A 20 -0.16 -10.62 -8.81
N GLU A 21 -1.11 -11.42 -8.31
CA GLU A 21 -1.49 -12.68 -8.94
C GLU A 21 -2.79 -12.48 -9.71
N VAL A 22 -2.77 -12.82 -10.99
CA VAL A 22 -3.98 -12.78 -11.80
C VAL A 22 -4.74 -14.08 -11.59
N ALA A 23 -6.02 -13.96 -11.23
CA ALA A 23 -6.81 -15.13 -10.89
C ALA A 23 -6.86 -16.09 -12.07
N PRO A 24 -6.87 -17.41 -11.81
CA PRO A 24 -6.96 -18.36 -12.93
C PRO A 24 -8.20 -18.15 -13.80
N ASP A 25 -9.31 -17.71 -13.21
CA ASP A 25 -10.52 -17.42 -13.96
C ASP A 25 -10.76 -15.92 -14.08
N ALA A 26 -9.67 -15.15 -14.13
CA ALA A 26 -9.77 -13.70 -14.17
C ALA A 26 -10.55 -13.23 -15.39
N LYS A 27 -11.45 -12.29 -15.18
CA LYS A 27 -12.14 -11.60 -16.26
C LYS A 27 -11.65 -10.19 -16.48
N SER A 28 -11.22 -9.51 -15.43
N SER A 28 -11.23 -9.50 -15.43
CA SER A 28 -10.78 -8.11 -15.53
CA SER A 28 -10.71 -8.14 -15.55
C SER A 28 -10.19 -7.70 -14.18
C SER A 28 -10.18 -7.71 -14.20
N PHE A 29 -9.28 -6.72 -14.23
CA PHE A 29 -8.81 -6.09 -13.01
C PHE A 29 -8.49 -4.64 -13.32
N VAL A 30 -8.43 -3.83 -12.27
CA VAL A 30 -8.34 -2.37 -12.41
C VAL A 30 -7.25 -1.86 -11.48
N LEU A 31 -6.42 -0.96 -12.00
N LEU A 31 -6.43 -0.94 -11.99
CA LEU A 31 -5.55 -0.13 -11.18
CA LEU A 31 -5.54 -0.13 -11.17
C LEU A 31 -5.89 1.33 -11.48
C LEU A 31 -5.85 1.33 -11.47
N ASN A 32 -6.30 2.06 -10.45
CA ASN A 32 -6.64 3.47 -10.57
C ASN A 32 -5.56 4.29 -9.88
N LEU A 33 -5.09 5.33 -10.55
CA LEU A 33 -4.12 6.26 -9.98
C LEU A 33 -4.63 7.69 -10.16
N GLY A 34 -4.45 8.50 -9.12
CA GLY A 34 -4.83 9.89 -9.21
C GLY A 34 -4.77 10.65 -7.91
N LYS A 35 -5.72 11.54 -7.71
CA LYS A 35 -5.86 12.33 -6.49
C LYS A 35 -6.84 11.70 -5.53
N ASP A 36 -7.97 11.22 -6.03
CA ASP A 36 -8.97 10.51 -5.25
C ASP A 36 -9.86 9.73 -6.22
N SER A 37 -10.92 9.12 -5.70
CA SER A 37 -11.76 8.25 -6.53
C SER A 37 -12.45 9.01 -7.66
N ASN A 38 -12.58 10.33 -7.55
CA ASN A 38 -13.23 11.15 -8.56
C ASN A 38 -12.24 11.80 -9.53
N ASN A 39 -10.94 11.65 -9.30
CA ASN A 39 -9.91 12.37 -10.05
C ASN A 39 -8.77 11.40 -10.34
N LEU A 40 -8.87 10.70 -11.47
CA LEU A 40 -7.91 9.67 -11.85
C LEU A 40 -7.15 10.14 -13.08
N CYS A 41 -5.83 10.23 -12.97
CA CYS A 41 -5.03 10.46 -14.15
C CYS A 41 -4.80 9.18 -14.94
N LEU A 42 -4.98 8.01 -14.33
CA LEU A 42 -4.93 6.75 -15.05
C LEU A 42 -5.92 5.76 -14.45
N HIS A 43 -6.88 5.32 -15.26
CA HIS A 43 -7.70 4.15 -14.98
C HIS A 43 -7.21 3.05 -15.92
N PHE A 44 -6.57 2.03 -15.34
CA PHE A 44 -5.88 0.98 -16.09
C PHE A 44 -6.65 -0.33 -15.91
N ASN A 45 -7.28 -0.81 -16.97
CA ASN A 45 -8.30 -1.85 -16.89
C ASN A 45 -8.05 -2.93 -17.94
N PRO A 46 -7.14 -3.86 -17.67
CA PRO A 46 -6.98 -5.04 -18.55
C PRO A 46 -8.20 -5.94 -18.45
N ARG A 47 -8.85 -6.18 -19.59
CA ARG A 47 -10.04 -7.00 -19.67
C ARG A 47 -9.68 -8.31 -20.37
N PHE A 48 -9.73 -9.41 -19.62
CA PHE A 48 -9.56 -10.73 -20.22
C PHE A 48 -10.84 -11.16 -20.94
N ASN A 49 -11.98 -10.97 -20.28
CA ASN A 49 -13.28 -11.26 -20.87
C ASN A 49 -14.35 -10.46 -20.14
N ALA A 50 -14.48 -9.19 -20.49
CA ALA A 50 -15.39 -8.29 -19.80
C ALA A 50 -15.91 -7.23 -20.77
N HIS A 51 -17.17 -6.85 -20.60
CA HIS A 51 -17.81 -5.84 -21.45
C HIS A 51 -17.68 -6.20 -22.92
N GLY A 52 -17.74 -7.50 -23.23
CA GLY A 52 -17.59 -7.96 -24.59
C GLY A 52 -16.20 -7.85 -25.16
N ASP A 53 -15.22 -7.44 -24.35
CA ASP A 53 -13.84 -7.28 -24.80
C ASP A 53 -13.02 -8.50 -24.40
N ALA A 54 -12.09 -8.89 -25.27
CA ALA A 54 -11.25 -10.06 -25.07
C ALA A 54 -9.78 -9.63 -25.14
N ASN A 55 -9.04 -9.88 -24.06
CA ASN A 55 -7.61 -9.61 -24.01
C ASN A 55 -7.30 -8.21 -24.56
N THR A 56 -7.92 -7.20 -23.95
CA THR A 56 -7.73 -5.81 -24.34
C THR A 56 -7.46 -4.97 -23.11
N ILE A 57 -6.45 -4.12 -23.19
CA ILE A 57 -6.17 -3.13 -22.15
C ILE A 57 -7.00 -1.89 -22.44
N VAL A 58 -7.88 -1.53 -21.51
CA VAL A 58 -8.69 -0.33 -21.61
C VAL A 58 -8.12 0.70 -20.64
N CYS A 59 -7.88 1.92 -21.13
CA CYS A 59 -7.38 3.00 -20.31
C CYS A 59 -8.30 4.21 -20.44
N ASN A 60 -8.42 4.94 -19.34
CA ASN A 60 -9.18 6.19 -19.36
C ASN A 60 -8.72 7.05 -18.18
N SER A 61 -9.24 8.28 -18.17
CA SER A 61 -9.05 9.22 -17.08
C SER A 61 -10.41 9.56 -16.49
N LYS A 62 -10.39 10.17 -15.31
CA LYS A 62 -11.61 10.69 -14.70
C LYS A 62 -11.28 12.03 -14.06
N ASP A 63 -12.03 13.06 -14.44
CA ASP A 63 -11.76 14.43 -14.02
C ASP A 63 -13.01 14.98 -13.36
N GLY A 64 -12.95 15.21 -12.05
CA GLY A 64 -14.13 15.66 -11.34
C GLY A 64 -15.32 14.75 -11.55
N GLY A 65 -15.09 13.44 -11.56
CA GLY A 65 -16.14 12.46 -11.71
C GLY A 65 -16.52 12.13 -13.13
N ALA A 66 -16.00 12.85 -14.12
CA ALA A 66 -16.35 12.64 -15.52
C ALA A 66 -15.29 11.79 -16.20
N TRP A 67 -15.70 10.63 -16.70
CA TRP A 67 -14.80 9.80 -17.50
C TRP A 67 -14.36 10.57 -18.74
N GLY A 68 -13.07 10.46 -19.05
CA GLY A 68 -12.52 11.05 -20.26
C GLY A 68 -12.77 10.17 -21.46
N THR A 69 -11.95 10.38 -22.50
CA THR A 69 -12.06 9.60 -23.73
C THR A 69 -11.30 8.29 -23.57
N GLU A 70 -12.02 7.18 -23.67
CA GLU A 70 -11.42 5.86 -23.52
C GLU A 70 -10.40 5.61 -24.63
N GLN A 71 -9.32 4.91 -24.28
CA GLN A 71 -8.32 4.47 -25.25
C GLN A 71 -7.98 3.01 -24.97
N ARG A 72 -7.56 2.31 -26.03
CA ARG A 72 -7.28 0.89 -25.94
C ARG A 72 -5.95 0.58 -26.59
N GLU A 73 -5.18 -0.30 -25.95
CA GLU A 73 -3.87 -0.67 -26.44
C GLU A 73 -3.96 -1.93 -27.31
N ALA A 74 -2.86 -2.29 -27.95
CA ALA A 74 -2.86 -3.33 -28.96
C ALA A 74 -2.09 -4.59 -28.55
N VAL A 75 -1.66 -4.69 -27.30
N VAL A 75 -1.69 -4.68 -27.28
CA VAL A 75 -1.08 -5.93 -26.81
CA VAL A 75 -0.95 -5.83 -26.74
C VAL A 75 -1.70 -6.23 -25.46
C VAL A 75 -1.51 -6.18 -25.37
N PHE A 76 -1.50 -7.47 -25.03
CA PHE A 76 -2.09 -7.97 -23.80
C PHE A 76 -1.12 -8.95 -23.16
N PRO A 77 -0.10 -8.44 -22.45
CA PRO A 77 0.93 -9.31 -21.84
C PRO A 77 0.52 -9.83 -20.47
N PHE A 78 -0.71 -10.34 -20.38
CA PHE A 78 -1.23 -10.91 -19.14
C PHE A 78 -1.80 -12.29 -19.43
N GLN A 79 -1.63 -13.20 -18.48
CA GLN A 79 -2.22 -14.53 -18.56
C GLN A 79 -2.96 -14.82 -17.27
N PRO A 80 -4.16 -15.39 -17.35
CA PRO A 80 -4.84 -15.82 -16.11
C PRO A 80 -4.00 -16.87 -15.38
N GLY A 81 -4.04 -16.81 -14.06
CA GLY A 81 -3.31 -17.76 -13.25
C GLY A 81 -1.81 -17.56 -13.24
N SER A 82 -1.34 -16.32 -13.19
CA SER A 82 0.08 -16.03 -13.21
C SER A 82 0.33 -14.74 -12.44
N VAL A 83 1.60 -14.50 -12.13
CA VAL A 83 2.03 -13.28 -11.46
C VAL A 83 2.39 -12.25 -12.53
N ALA A 84 1.98 -11.00 -12.30
CA ALA A 84 2.24 -9.91 -13.22
C ALA A 84 2.68 -8.69 -12.43
N GLU A 85 3.68 -7.98 -12.96
CA GLU A 85 4.17 -6.75 -12.38
C GLU A 85 3.85 -5.58 -13.32
N VAL A 86 3.33 -4.50 -12.76
CA VAL A 86 3.05 -3.29 -13.51
C VAL A 86 3.86 -2.15 -12.92
N CME A 87 4.56 -1.40 -13.76
CA CME A 87 5.40 -0.31 -13.32
CB CME A 87 6.89 -0.56 -13.57
SG CME A 87 7.52 -2.06 -12.90
SD CME A 87 8.76 -2.85 -14.40
CE CME A 87 7.70 -3.75 -15.48
CZ CME A 87 7.73 -5.24 -15.21
OH CME A 87 6.56 -5.77 -15.83
C CME A 87 4.98 0.96 -14.05
O CME A 87 4.85 1.04 -15.27
H CME A 87 4.57 -1.51 -14.76
HA CME A 87 5.23 -0.17 -12.22
HB2 CME A 87 7.13 -0.48 -14.65
HB3 CME A 87 7.49 0.22 -13.03
HE2 CME A 87 8.11 -3.54 -16.50
HE3 CME A 87 6.65 -3.38 -15.44
HZ2 CME A 87 8.64 -5.70 -15.66
HZ3 CME A 87 7.71 -5.45 -14.11
HH CME A 87 6.72 -6.72 -15.93
N ILE A 88 4.76 2.00 -13.25
CA ILE A 88 4.19 3.25 -13.76
C ILE A 88 4.97 4.48 -13.30
N THR A 89 5.22 5.39 -14.25
N THR A 89 5.27 5.37 -14.25
CA THR A 89 5.80 6.69 -13.96
CA THR A 89 5.80 6.70 -13.98
C THR A 89 5.09 7.73 -14.81
C THR A 89 4.88 7.74 -14.62
N PHE A 90 5.23 9.00 -14.42
CA PHE A 90 4.52 10.07 -15.09
C PHE A 90 5.36 11.34 -15.08
N ASP A 91 5.13 12.17 -16.09
CA ASP A 91 5.52 13.57 -16.06
C ASP A 91 4.29 14.40 -16.43
N GLN A 92 4.47 15.68 -16.72
CA GLN A 92 3.31 16.51 -17.01
C GLN A 92 2.63 16.11 -18.32
N ALA A 93 3.38 15.55 -19.26
CA ALA A 93 2.83 15.19 -20.55
C ALA A 93 2.15 13.82 -20.56
N ASN A 94 2.76 12.81 -19.95
CA ASN A 94 2.27 11.45 -20.08
C ASN A 94 2.53 10.64 -18.81
N LEU A 95 1.69 9.63 -18.62
CA LEU A 95 2.05 8.49 -17.79
C LEU A 95 2.67 7.42 -18.68
N THR A 96 3.73 6.79 -18.19
CA THR A 96 4.37 5.69 -18.89
C THR A 96 4.11 4.41 -18.11
N VAL A 97 3.43 3.46 -18.76
CA VAL A 97 3.07 2.20 -18.15
C VAL A 97 3.94 1.10 -18.74
N LYS A 98 4.72 0.43 -17.90
CA LYS A 98 5.59 -0.65 -18.31
C LYS A 98 5.03 -1.97 -17.78
N LEU A 99 4.88 -2.93 -18.68
CA LEU A 99 4.18 -4.18 -18.39
C LEU A 99 5.09 -5.37 -18.61
N PRO A 100 4.64 -6.59 -18.38
CA PRO A 100 5.48 -7.76 -18.64
C PRO A 100 5.76 -7.93 -20.13
N ASP A 101 6.64 -8.88 -20.43
CA ASP A 101 7.00 -9.22 -21.80
C ASP A 101 7.54 -8.01 -22.56
N GLY A 102 8.14 -7.06 -21.84
CA GLY A 102 8.82 -5.94 -22.44
C GLY A 102 7.94 -4.85 -23.00
N TYR A 103 6.62 -4.94 -22.84
CA TYR A 103 5.73 -3.96 -23.45
C TYR A 103 5.64 -2.70 -22.61
N GLU A 104 5.54 -1.56 -23.29
CA GLU A 104 5.46 -0.26 -22.64
C GLU A 104 4.61 0.64 -23.52
N PHE A 105 3.82 1.50 -22.89
CA PHE A 105 3.02 2.47 -23.62
C PHE A 105 2.82 3.71 -22.77
N LYS A 106 2.38 4.78 -23.42
CA LYS A 106 2.15 6.06 -22.77
C LYS A 106 0.67 6.43 -22.86
N PHE A 107 0.19 7.10 -21.83
CA PHE A 107 -1.18 7.57 -21.76
C PHE A 107 -1.14 9.05 -21.41
N PRO A 108 -1.86 9.92 -22.13
CA PRO A 108 -1.76 11.36 -21.85
C PRO A 108 -2.15 11.68 -20.42
N ASN A 109 -1.35 12.54 -19.79
CA ASN A 109 -1.67 13.06 -18.45
C ASN A 109 -2.64 14.22 -18.63
N ARG A 110 -3.93 13.91 -18.52
CA ARG A 110 -4.98 14.88 -18.80
C ARG A 110 -5.35 15.74 -17.59
N LEU A 111 -4.92 15.36 -16.40
CA LEU A 111 -5.21 16.12 -15.20
C LEU A 111 -4.04 17.05 -14.88
N ASN A 112 -4.22 17.84 -13.82
CA ASN A 112 -3.24 18.87 -13.45
C ASN A 112 -2.71 18.58 -12.04
N LEU A 113 -2.31 17.33 -11.79
CA LEU A 113 -1.89 16.91 -10.46
C LEU A 113 -0.39 17.15 -10.27
N GLU A 114 -0.04 17.82 -9.19
CA GLU A 114 1.36 17.97 -8.83
C GLU A 114 2.00 16.64 -8.46
N ALA A 115 1.22 15.74 -7.87
CA ALA A 115 1.72 14.43 -7.48
C ALA A 115 0.55 13.44 -7.52
N ILE A 116 0.89 12.17 -7.69
CA ILE A 116 -0.09 11.09 -7.58
C ILE A 116 -0.15 10.65 -6.13
N ASN A 117 -1.31 10.85 -5.50
CA ASN A 117 -1.48 10.58 -4.07
C ASN A 117 -2.41 9.40 -3.78
N TYR A 118 -3.08 8.85 -4.79
CA TYR A 118 -4.15 7.90 -4.57
C TYR A 118 -4.01 6.72 -5.52
N MET A 119 -4.15 5.52 -4.98
N MET A 119 -4.14 5.51 -4.97
CA MET A 119 -4.17 4.31 -5.81
CA MET A 119 -4.13 4.27 -5.72
C MET A 119 -5.23 3.36 -5.27
C MET A 119 -5.29 3.40 -5.24
N ALA A 120 -5.95 2.71 -6.18
CA ALA A 120 -7.00 1.78 -5.82
C ALA A 120 -6.97 0.61 -6.79
N ALA A 121 -6.99 -0.60 -6.25
CA ALA A 121 -7.01 -1.82 -7.04
C ALA A 121 -8.37 -2.50 -6.90
N ASP A 122 -8.80 -3.13 -7.98
CA ASP A 122 -10.07 -3.86 -7.97
C ASP A 122 -9.96 -5.02 -8.93
N GLY A 123 -10.86 -5.98 -8.76
CA GLY A 123 -10.98 -7.06 -9.71
C GLY A 123 -10.10 -8.25 -9.39
N ASP A 124 -9.82 -9.02 -10.44
CA ASP A 124 -9.21 -10.35 -10.31
C ASP A 124 -7.68 -10.24 -10.31
N PHE A 125 -7.17 -9.50 -9.34
CA PHE A 125 -5.74 -9.24 -9.22
C PHE A 125 -5.40 -9.11 -7.75
N LYS A 126 -4.68 -10.08 -7.21
CA LYS A 126 -4.32 -10.11 -5.79
C LYS A 126 -2.97 -9.43 -5.61
N ILE A 127 -2.95 -8.27 -4.96
CA ILE A 127 -1.72 -7.50 -4.79
C ILE A 127 -0.81 -8.24 -3.81
N LYS A 128 0.44 -8.45 -4.22
CA LYS A 128 1.42 -9.12 -3.38
C LYS A 128 2.50 -8.16 -2.89
N CME A 129 2.74 -7.10 -3.65
CA CME A 129 3.81 -6.17 -3.36
CB CME A 129 5.18 -6.73 -3.78
SG CME A 129 6.57 -5.66 -3.67
SD CME A 129 6.49 -4.32 -5.29
CE CME A 129 6.70 -5.22 -6.79
CZ CME A 129 8.14 -5.35 -7.22
OH CME A 129 8.91 -5.51 -6.04
C CME A 129 3.58 -4.85 -4.08
O CME A 129 3.19 -4.78 -5.24
H CME A 129 2.23 -6.83 -4.47
HA CME A 129 3.81 -5.99 -2.25
HB2 CME A 129 5.38 -7.67 -3.19
HB3 CME A 129 5.17 -7.02 -4.87
HE2 CME A 129 6.28 -6.23 -6.55
HE3 CME A 129 6.10 -4.79 -7.63
HZ2 CME A 129 8.28 -6.24 -7.89
HZ3 CME A 129 8.48 -4.43 -7.77
HH CME A 129 9.53 -6.21 -6.20
N VAL A 130 3.80 -3.77 -3.33
N VAL A 130 3.79 -3.76 -3.35
CA VAL A 130 3.76 -2.41 -3.85
CA VAL A 130 3.79 -2.44 -3.96
C VAL A 130 5.05 -1.70 -3.45
C VAL A 130 4.99 -1.66 -3.46
N ALA A 131 5.72 -1.07 -4.40
CA ALA A 131 6.97 -0.36 -4.12
C ALA A 131 6.91 1.04 -4.71
N PHE A 132 7.48 1.98 -3.97
CA PHE A 132 7.62 3.38 -4.38
C PHE A 132 9.12 3.67 -4.42
N ASP A 133 9.75 3.34 -5.55
CA ASP A 133 11.22 3.31 -5.66
C ASP A 133 12.14 3.34 -4.44
N CYS B 1 -0.44 13.03 6.37
CA CYS B 1 0.77 12.48 6.97
C CYS B 1 1.41 11.48 6.00
N GLY B 2 1.94 10.36 6.49
CA GLY B 2 2.50 9.34 5.63
C GLY B 2 1.45 8.49 4.95
N LEU B 3 1.91 7.39 4.37
CA LEU B 3 1.06 6.49 3.61
C LEU B 3 -0.10 5.98 4.46
N VAL B 4 -1.27 5.87 3.84
CA VAL B 4 -2.45 5.28 4.44
C VAL B 4 -2.97 4.20 3.49
N ALA B 5 -3.27 3.03 4.01
CA ALA B 5 -3.73 1.92 3.18
C ALA B 5 -4.93 1.24 3.83
N SER B 6 -5.93 0.94 3.00
N SER B 6 -5.93 0.93 3.01
CA SER B 6 -7.16 0.28 3.45
CA SER B 6 -7.14 0.28 3.48
C SER B 6 -7.40 -0.95 2.61
C SER B 6 -7.42 -0.94 2.59
N ASN B 7 -8.33 -1.79 3.08
CA ASN B 7 -8.67 -3.04 2.41
C ASN B 7 -7.46 -3.98 2.32
N LEU B 8 -6.59 -3.94 3.34
N LEU B 8 -6.60 -3.94 3.33
CA LEU B 8 -5.42 -4.80 3.34
CA LEU B 8 -5.42 -4.81 3.32
C LEU B 8 -5.82 -6.28 3.33
C LEU B 8 -5.81 -6.28 3.35
N ASN B 9 -6.90 -6.62 4.02
CA ASN B 9 -7.38 -8.01 4.09
C ASN B 9 -6.29 -8.94 4.62
N LEU B 10 -5.54 -8.49 5.63
CA LEU B 10 -4.52 -9.33 6.23
C LEU B 10 -5.17 -10.28 7.25
N LYS B 11 -4.91 -11.57 7.09
CA LYS B 11 -5.54 -12.59 7.91
C LYS B 11 -4.53 -13.24 8.86
N PRO B 12 -5.01 -13.95 9.88
CA PRO B 12 -4.09 -14.54 10.86
C PRO B 12 -3.05 -15.44 10.21
N GLY B 13 -1.79 -15.29 10.64
CA GLY B 13 -0.70 -16.06 10.12
C GLY B 13 -0.01 -15.45 8.93
N GLU B 14 -0.70 -14.61 8.16
CA GLU B 14 -0.11 -13.96 7.01
C GLU B 14 0.88 -12.89 7.48
N CME B 15 1.91 -12.65 6.67
CA CME B 15 2.97 -11.75 7.03
CB CME B 15 4.37 -12.35 6.86
SG CME B 15 5.69 -11.34 7.44
SD CME B 15 5.71 -11.64 9.52
CE CME B 15 6.67 -13.08 9.79
CZ CME B 15 8.03 -13.02 9.12
OH CME B 15 8.77 -14.15 9.59
C CME B 15 2.90 -10.47 6.21
O CME B 15 2.88 -10.44 4.98
H CME B 15 2.04 -13.04 5.75
HA CME B 15 2.83 -11.47 8.13
HB2 CME B 15 4.54 -12.66 5.80
HB3 CME B 15 4.47 -13.27 7.50
HE2 CME B 15 6.06 -13.91 9.34
HE3 CME B 15 6.80 -13.31 10.87
HZ2 CME B 15 8.57 -12.07 9.40
HZ3 CME B 15 7.93 -13.06 8.00
HH CME B 15 9.68 -14.00 9.32
N LEU B 16 2.84 -9.36 6.95
CA LEU B 16 2.91 -8.03 6.36
C LEU B 16 4.32 -7.48 6.56
N ARG B 17 5.02 -7.21 5.47
CA ARG B 17 6.38 -6.70 5.52
C ARG B 17 6.40 -5.26 5.05
N VAL B 18 6.99 -4.38 5.85
CA VAL B 18 7.04 -2.95 5.56
C VAL B 18 8.49 -2.51 5.62
N ARG B 19 9.01 -2.04 4.48
CA ARG B 19 10.35 -1.46 4.41
C ARG B 19 10.24 0.04 4.19
N GLY B 20 11.06 0.80 4.90
CA GLY B 20 11.01 2.24 4.78
C GLY B 20 12.35 2.86 5.14
N GLU B 21 12.38 4.20 5.07
CA GLU B 21 13.58 4.98 5.34
C GLU B 21 13.36 5.77 6.62
N VAL B 22 14.20 5.53 7.62
CA VAL B 22 14.19 6.32 8.85
C VAL B 22 14.92 7.62 8.57
N ALA B 23 14.24 8.75 8.79
CA ALA B 23 14.81 10.04 8.45
C ALA B 23 16.14 10.25 9.16
N PRO B 24 17.05 11.04 8.58
CA PRO B 24 18.34 11.28 9.25
C PRO B 24 18.20 12.00 10.57
N ASP B 25 17.19 12.86 10.73
CA ASP B 25 16.93 13.59 11.95
C ASP B 25 15.80 12.96 12.75
N ALA B 26 15.67 11.64 12.70
CA ALA B 26 14.50 10.96 13.24
C ALA B 26 14.37 11.20 14.74
N LYS B 27 13.18 11.66 15.15
CA LYS B 27 12.81 11.74 16.56
C LYS B 27 11.79 10.69 16.95
N SER B 28 10.94 10.26 16.02
CA SER B 28 9.84 9.37 16.31
C SER B 28 9.17 9.00 14.99
N PHE B 29 8.66 7.78 14.90
CA PHE B 29 7.80 7.42 13.78
C PHE B 29 6.77 6.41 14.25
N VAL B 30 5.72 6.26 13.45
CA VAL B 30 4.53 5.52 13.85
C VAL B 30 4.06 4.64 12.71
N LEU B 31 3.67 3.41 13.04
N LEU B 31 3.64 3.42 13.05
CA LEU B 31 2.92 2.55 12.13
CA LEU B 31 2.92 2.56 12.12
C LEU B 31 1.66 2.11 12.85
C LEU B 31 1.66 2.08 12.83
N ASN B 32 0.51 2.45 12.30
CA ASN B 32 -0.78 2.06 12.86
C ASN B 32 -1.36 0.92 12.05
N LEU B 33 -1.87 -0.10 12.74
N LEU B 33 -1.88 -0.10 12.73
CA LEU B 33 -2.55 -1.23 12.11
CA LEU B 33 -2.55 -1.22 12.09
C LEU B 33 -3.87 -1.47 12.83
C LEU B 33 -3.85 -1.49 12.82
N GLY B 34 -4.91 -1.80 12.07
CA GLY B 34 -6.17 -2.13 12.69
C GLY B 34 -7.29 -2.30 11.68
N LYS B 35 -8.51 -2.11 12.18
CA LYS B 35 -9.71 -2.15 11.36
C LYS B 35 -9.91 -0.84 10.60
N ASP B 36 -9.62 0.27 11.26
CA ASP B 36 -9.69 1.60 10.67
C ASP B 36 -8.98 2.56 11.63
N SER B 37 -9.00 3.84 11.30
CA SER B 37 -8.22 4.82 12.05
C SER B 37 -8.63 4.88 13.53
N ASN B 38 -9.85 4.47 13.86
CA ASN B 38 -10.35 4.56 15.22
C ASN B 38 -10.28 3.23 15.97
N ASN B 39 -9.87 2.15 15.31
CA ASN B 39 -9.80 0.83 15.93
C ASN B 39 -8.47 0.20 15.52
N LEU B 40 -7.46 0.43 16.36
CA LEU B 40 -6.09 0.01 16.08
C LEU B 40 -5.71 -1.14 17.00
N CYS B 41 -5.36 -2.28 16.41
CA CYS B 41 -4.79 -3.37 17.19
C CYS B 41 -3.33 -3.11 17.50
N LEU B 42 -2.65 -2.27 16.72
CA LEU B 42 -1.26 -1.94 17.01
C LEU B 42 -0.98 -0.49 16.61
N HIS B 43 -0.62 0.31 17.60
CA HIS B 43 0.01 1.61 17.40
C HIS B 43 1.48 1.42 17.76
N PHE B 44 2.33 1.37 16.74
CA PHE B 44 3.74 1.01 16.87
C PHE B 44 4.57 2.29 16.75
N ASN B 45 5.13 2.76 17.85
CA ASN B 45 5.74 4.10 17.93
C ASN B 45 7.15 4.03 18.49
N PRO B 46 8.13 3.69 17.66
CA PRO B 46 9.54 3.83 18.09
C PRO B 46 9.90 5.29 18.30
N ARG B 47 10.40 5.59 19.49
CA ARG B 47 10.77 6.95 19.88
C ARG B 47 12.27 7.02 20.06
N PHE B 48 12.94 7.74 19.15
CA PHE B 48 14.36 8.03 19.33
C PHE B 48 14.56 9.06 20.44
N ASN B 49 13.79 10.15 20.39
CA ASN B 49 13.82 11.15 21.45
C ASN B 49 12.52 11.96 21.31
N ALA B 50 11.49 11.55 22.04
CA ALA B 50 10.19 12.17 21.91
C ALA B 50 9.33 11.81 23.12
N HIS B 51 8.52 12.77 23.55
CA HIS B 51 7.56 12.57 24.65
C HIS B 51 8.24 11.98 25.88
N GLY B 52 9.45 12.46 26.17
CA GLY B 52 10.18 12.02 27.34
C GLY B 52 10.81 10.65 27.23
N ASP B 53 10.70 9.98 26.09
CA ASP B 53 11.31 8.68 25.87
C ASP B 53 12.56 8.82 25.01
N ALA B 54 13.57 8.02 25.31
CA ALA B 54 14.76 7.89 24.48
C ALA B 54 14.93 6.43 24.08
N ASN B 55 15.09 6.19 22.79
CA ASN B 55 15.33 4.85 22.23
C ASN B 55 14.42 3.82 22.88
N THR B 56 13.12 4.08 22.81
CA THR B 56 12.10 3.19 23.36
C THR B 56 10.98 3.01 22.35
N ILE B 57 10.56 1.77 22.16
CA ILE B 57 9.38 1.46 21.36
C ILE B 57 8.17 1.49 22.30
N VAL B 58 7.19 2.33 21.97
CA VAL B 58 5.92 2.41 22.69
C VAL B 58 4.85 1.80 21.81
N CYS B 59 4.10 0.85 22.38
CA CYS B 59 2.98 0.25 21.68
C CYS B 59 1.69 0.54 22.44
N ASN B 60 0.60 0.66 21.68
CA ASN B 60 -0.71 0.85 22.27
C ASN B 60 -1.77 0.36 21.30
N SER B 61 -3.00 0.28 21.80
CA SER B 61 -4.17 0.00 21.00
C SER B 61 -5.11 1.20 21.05
N LYS B 62 -6.10 1.19 20.16
CA LYS B 62 -7.17 2.19 20.20
C LYS B 62 -8.47 1.47 19.89
N ASP B 63 -9.44 1.63 20.79
CA ASP B 63 -10.70 0.89 20.73
C ASP B 63 -11.84 1.90 20.65
N GLY B 64 -12.47 1.97 19.48
CA GLY B 64 -13.52 2.96 19.29
C GLY B 64 -13.10 4.37 19.62
N GLY B 65 -11.87 4.73 19.26
CA GLY B 65 -11.36 6.06 19.50
C GLY B 65 -10.64 6.26 20.81
N ALA B 66 -10.70 5.29 21.72
CA ALA B 66 -10.13 5.42 23.05
C ALA B 66 -8.79 4.68 23.11
N TRP B 67 -7.73 5.41 23.43
CA TRP B 67 -6.41 4.80 23.59
C TRP B 67 -6.42 3.80 24.73
N GLY B 68 -5.68 2.71 24.55
CA GLY B 68 -5.45 1.75 25.61
C GLY B 68 -4.29 2.14 26.49
N THR B 69 -3.78 1.17 27.22
CA THR B 69 -2.63 1.37 28.11
C THR B 69 -1.34 1.09 27.35
N GLU B 70 -0.40 2.03 27.41
CA GLU B 70 0.85 1.90 26.68
C GLU B 70 1.68 0.74 27.22
N GLN B 71 2.37 0.05 26.30
CA GLN B 71 3.36 -0.95 26.65
C GLN B 71 4.69 -0.51 26.07
N ARG B 72 5.75 -0.56 26.88
CA ARG B 72 7.08 -0.16 26.46
C ARG B 72 7.97 -1.39 26.30
N GLU B 73 8.59 -1.51 25.14
CA GLU B 73 9.41 -2.68 24.83
C GLU B 73 10.82 -2.51 25.40
N ALA B 74 11.61 -3.58 25.31
CA ALA B 74 12.93 -3.61 25.89
C ALA B 74 14.04 -3.49 24.86
N VAL B 75 13.72 -3.47 23.56
CA VAL B 75 14.70 -3.46 22.49
C VAL B 75 14.42 -2.27 21.57
N PHE B 76 15.47 -1.82 20.89
CA PHE B 76 15.37 -0.67 19.98
C PHE B 76 16.41 -0.80 18.89
N PRO B 77 16.17 -1.68 17.90
CA PRO B 77 17.12 -1.89 16.80
C PRO B 77 16.88 -0.95 15.62
N PHE B 78 16.79 0.34 15.90
CA PHE B 78 16.58 1.36 14.87
C PHE B 78 17.64 2.44 15.00
N GLN B 79 18.04 2.97 13.85
CA GLN B 79 19.02 4.04 13.78
C GLN B 79 18.50 5.15 12.87
N PRO B 80 18.71 6.42 13.22
CA PRO B 80 18.32 7.49 12.30
C PRO B 80 19.11 7.41 11.00
N GLY B 81 18.45 7.79 9.91
CA GLY B 81 19.09 7.82 8.60
C GLY B 81 19.50 6.44 8.11
N SER B 82 18.58 5.49 8.15
CA SER B 82 18.86 4.13 7.71
C SER B 82 17.59 3.53 7.13
N VAL B 83 17.76 2.40 6.46
CA VAL B 83 16.63 1.60 5.99
C VAL B 83 16.28 0.59 7.07
N ALA B 84 14.98 0.40 7.29
CA ALA B 84 14.51 -0.56 8.28
C ALA B 84 13.32 -1.33 7.72
N GLU B 85 13.25 -2.61 8.05
CA GLU B 85 12.11 -3.45 7.71
C GLU B 85 11.43 -3.91 8.97
N VAL B 86 10.11 -3.85 8.98
CA VAL B 86 9.31 -4.40 10.06
C VAL B 86 8.39 -5.46 9.44
N CME B 87 8.18 -6.56 10.16
CA CME B 87 7.34 -7.63 9.70
CB CME B 87 8.12 -8.89 9.29
SG CME B 87 9.45 -8.61 8.16
SD CME B 87 11.10 -9.66 8.96
CE CME B 87 11.98 -8.50 9.95
CZ CME B 87 13.21 -7.92 9.25
OH CME B 87 13.57 -6.76 9.98
C CME B 87 6.35 -7.98 10.79
O CME B 87 6.68 -8.29 11.95
H CME B 87 8.56 -6.74 11.07
HA CME B 87 6.77 -7.26 8.79
HB2 CME B 87 8.48 -9.43 10.19
HB3 CME B 87 7.45 -9.59 8.72
HE2 CME B 87 12.31 -9.10 10.84
HE3 CME B 87 11.34 -7.67 10.32
HZ2 CME B 87 14.05 -8.66 9.27
HZ3 CME B 87 12.96 -7.65 8.19
HH CME B 87 14.34 -6.39 9.54
N ILE B 88 5.08 -7.94 10.42
CA ILE B 88 4.00 -8.16 11.37
C ILE B 88 3.11 -9.33 10.96
N THR B 89 2.79 -10.15 11.95
CA THR B 89 1.79 -11.20 11.83
C THR B 89 0.95 -11.16 13.10
N PHE B 90 -0.21 -11.82 13.07
CA PHE B 90 -1.08 -11.82 14.23
C PHE B 90 -1.93 -13.08 14.25
N ASP B 91 -2.48 -13.36 15.43
CA ASP B 91 -3.42 -14.45 15.62
C ASP B 91 -4.44 -13.99 16.65
N GLN B 92 -5.18 -14.96 17.20
CA GLN B 92 -6.28 -14.63 18.10
C GLN B 92 -5.79 -13.94 19.36
N ALA B 93 -4.57 -14.23 19.81
CA ALA B 93 -4.09 -13.74 21.08
C ALA B 93 -3.12 -12.56 20.96
N ASN B 94 -2.27 -12.55 19.94
CA ASN B 94 -1.16 -11.61 19.91
C ASN B 94 -0.84 -11.17 18.49
N LEU B 95 -0.29 -9.97 18.39
CA LEU B 95 0.51 -9.57 17.24
C LEU B 95 1.97 -9.88 17.53
N THR B 96 2.67 -10.40 16.54
CA THR B 96 4.10 -10.62 16.61
C THR B 96 4.77 -9.64 15.68
N VAL B 97 5.64 -8.80 16.22
CA VAL B 97 6.35 -7.78 15.46
C VAL B 97 7.81 -8.19 15.39
N LYS B 98 8.28 -8.49 14.18
CA LYS B 98 9.68 -8.81 13.96
C LYS B 98 10.42 -7.56 13.47
N LEU B 99 11.59 -7.32 14.05
CA LEU B 99 12.34 -6.09 13.86
C LEU B 99 13.68 -6.40 13.22
N PRO B 100 14.46 -5.37 12.84
CA PRO B 100 15.81 -5.63 12.35
C PRO B 100 16.68 -6.33 13.38
N ASP B 101 17.75 -6.95 12.89
CA ASP B 101 18.79 -7.57 13.72
C ASP B 101 18.27 -8.75 14.53
N GLY B 102 17.14 -9.34 14.13
CA GLY B 102 16.64 -10.54 14.77
C GLY B 102 15.78 -10.32 15.99
N TYR B 103 15.48 -9.08 16.33
CA TYR B 103 14.63 -8.80 17.49
C TYR B 103 13.16 -8.98 17.14
N GLU B 104 12.37 -9.30 18.16
CA GLU B 104 10.93 -9.40 17.99
C GLU B 104 10.27 -9.29 19.35
N PHE B 105 8.97 -9.00 19.33
CA PHE B 105 8.18 -8.97 20.55
C PHE B 105 6.72 -9.22 20.18
N LYS B 106 5.93 -9.52 21.20
CA LYS B 106 4.50 -9.76 21.02
C LYS B 106 3.70 -8.70 21.75
N PHE B 107 2.55 -8.35 21.18
CA PHE B 107 1.65 -7.37 21.75
C PHE B 107 0.25 -7.98 21.75
N PRO B 108 -0.47 -7.96 22.87
CA PRO B 108 -1.77 -8.64 22.90
C PRO B 108 -2.74 -8.09 21.87
N ASN B 109 -3.53 -9.00 21.29
CA ASN B 109 -4.60 -8.63 20.35
C ASN B 109 -5.81 -8.20 21.16
N ARG B 110 -5.73 -6.97 21.69
CA ARG B 110 -6.73 -6.50 22.66
C ARG B 110 -8.12 -6.41 22.04
N LEU B 111 -8.21 -6.05 20.76
N LEU B 111 -8.21 -6.05 20.76
CA LEU B 111 -9.49 -5.92 20.09
CA LEU B 111 -9.50 -5.92 20.10
C LEU B 111 -10.02 -7.24 19.56
C LEU B 111 -10.03 -7.24 19.57
N ASN B 112 -9.27 -8.33 19.69
CA ASN B 112 -9.68 -9.64 19.18
C ASN B 112 -9.96 -9.57 17.69
N LEU B 113 -9.17 -8.78 16.97
CA LEU B 113 -9.33 -8.66 15.53
C LEU B 113 -9.00 -9.98 14.84
N GLU B 114 -9.84 -10.36 13.88
N GLU B 114 -9.84 -10.35 13.88
CA GLU B 114 -9.57 -11.51 13.02
CA GLU B 114 -9.59 -11.51 13.03
C GLU B 114 -9.12 -11.10 11.64
C GLU B 114 -9.09 -11.10 11.64
N ALA B 115 -8.99 -9.81 11.37
CA ALA B 115 -8.46 -9.31 10.12
C ALA B 115 -7.89 -7.92 10.36
N ILE B 116 -6.81 -7.60 9.65
CA ILE B 116 -6.23 -6.27 9.67
C ILE B 116 -6.43 -5.68 8.27
N ASN B 117 -7.20 -4.59 8.21
CA ASN B 117 -7.55 -3.98 6.93
C ASN B 117 -7.02 -2.56 6.77
N TYR B 118 -6.37 -2.01 7.79
CA TYR B 118 -5.98 -0.60 7.79
C TYR B 118 -4.54 -0.48 8.25
N MET B 119 -3.75 0.32 7.53
CA MET B 119 -2.42 0.67 7.96
C MET B 119 -2.16 2.14 7.63
N ALA B 120 -1.44 2.81 8.52
CA ALA B 120 -1.09 4.21 8.31
C ALA B 120 0.27 4.48 8.93
N ALA B 121 1.10 5.23 8.21
CA ALA B 121 2.42 5.61 8.68
C ALA B 121 2.45 7.11 8.97
N ASP B 122 3.22 7.48 9.98
CA ASP B 122 3.41 8.88 10.31
C ASP B 122 4.79 9.04 10.92
N GLY B 123 5.26 10.29 10.95
CA GLY B 123 6.55 10.57 11.56
C GLY B 123 7.70 10.37 10.59
N ASP B 124 8.86 10.04 11.16
CA ASP B 124 10.11 10.03 10.44
C ASP B 124 10.41 8.68 9.80
N PHE B 125 9.44 8.15 9.06
CA PHE B 125 9.56 6.85 8.41
C PHE B 125 8.83 6.93 7.07
N LYS B 126 9.59 6.89 5.98
CA LYS B 126 9.04 6.94 4.63
C LYS B 126 8.97 5.51 4.10
N ILE B 127 7.75 5.01 3.88
CA ILE B 127 7.56 3.65 3.40
C ILE B 127 8.00 3.56 1.95
N LYS B 128 8.82 2.56 1.64
CA LYS B 128 9.31 2.35 0.28
C LYS B 128 8.74 1.09 -0.35
N CME B 129 8.28 0.16 0.48
CA CME B 129 7.80 -1.12 -0.01
CB CME B 129 8.93 -2.07 -0.39
SG CME B 129 8.46 -3.55 -1.20
SD CME B 129 7.75 -4.90 0.27
CE CME B 129 8.86 -5.00 1.62
CZ CME B 129 9.48 -6.38 1.75
OH CME B 129 10.18 -6.40 2.98
C CME B 129 6.93 -1.80 1.04
O CME B 129 7.23 -1.85 2.23
H CME B 129 8.23 0.24 1.48
HA CME B 129 7.16 -0.91 -0.92
HB2 CME B 129 9.53 -2.32 0.53
HB3 CME B 129 9.63 -1.58 -1.13
HE2 CME B 129 8.22 -4.79 2.51
HE3 CME B 129 9.66 -4.22 1.58
HZ2 CME B 129 8.69 -7.16 1.75
HZ3 CME B 129 10.19 -6.57 0.90
HH CME B 129 10.63 -7.26 3.02
N VAL B 130 5.82 -2.35 0.56
N VAL B 130 5.79 -2.33 0.59
CA VAL B 130 4.88 -3.12 1.37
CA VAL B 130 4.97 -3.17 1.45
C VAL B 130 4.60 -4.44 0.64
C VAL B 130 4.59 -4.42 0.67
N ALA B 131 4.78 -5.57 1.32
CA ALA B 131 4.57 -6.88 0.72
C ALA B 131 3.66 -7.71 1.61
N PHE B 132 2.89 -8.59 0.97
CA PHE B 132 1.98 -9.50 1.64
C PHE B 132 2.41 -10.94 1.36
N ASP B 133 2.69 -11.69 2.43
CA ASP B 133 2.88 -13.12 2.32
C ASP B 133 1.72 -13.85 2.98
C1 BME C . -3.68 18.52 -6.12
C1 BME C . -2.72 18.41 -7.29
C2 BME C . -3.11 17.11 -6.24
C2 BME C . -2.21 17.56 -6.13
O1 BME C . -2.84 19.42 -6.81
O1 BME C . -1.67 19.21 -7.80
S2 BME C . -1.33 17.03 -5.95
S2 BME C . -3.55 16.74 -5.24
C4 JB9 D . -17.53 1.14 -20.88
C5 JB9 D . -19.02 1.30 -21.04
C6 JB9 D . -19.57 2.13 -19.87
C7 JB9 D . -16.30 0.88 -25.56
C8 JB9 D . -15.91 -0.06 -26.69
N2 JB9 D . -16.90 0.30 -24.51
C3 JB9 D . -17.00 0.34 -22.07
C1 JB9 D . -18.87 1.27 -23.41
C2 JB9 D . -17.36 1.08 -23.34
CAL JB9 D . -19.44 1.19 -25.72
CAM JB9 D . -18.98 1.92 -26.98
CAN JB9 D . -19.60 1.42 -28.29
CAO JB9 D . -15.84 1.33 -16.33
CAP JB9 D . -14.52 1.85 -16.87
CAQ JB9 D . -14.78 2.63 -18.14
CAS JB9 D . -16.66 1.29 -18.67
CAT JB9 D . -16.49 0.48 -17.40
CAW JB9 D . -13.45 3.18 -18.68
CAZ JB9 D . -15.56 1.27 -13.97
CBA JB9 D . -15.12 0.35 -12.83
CBB JB9 D . -15.81 -0.67 -12.35
CBF JB9 D . -15.32 -2.31 -10.52
CBG JB9 D . -14.66 -3.45 -10.96
CBH JB9 D . -14.90 -4.66 -10.32
CBI JB9 D . -14.25 -5.82 -10.74
CBJ JB9 D . -13.36 -5.77 -11.81
CBK JB9 D . -13.12 -4.56 -12.44
CBL JB9 D . -13.77 -3.41 -12.02
CBM JB9 D . -14.51 -7.06 -10.08
CBN JB9 D . -14.74 -8.12 -9.51
CBO JB9 D . -15.00 -9.39 -8.82
CBQ JB9 D . -12.87 -10.05 -7.75
NBC JB9 D . -15.02 -1.15 -11.39
NBD JB9 D . -13.97 -0.44 -11.32
NBE JB9 D . -13.99 0.46 -12.15
NBP JB9 D . -13.77 -10.17 -8.73
NBR JB9 D . -13.06 -9.15 -6.77
NBS JB9 D . -11.77 -10.82 -7.75
O1 JB9 D . -19.21 2.04 -24.59
O3 JB9 D . -15.57 0.19 -21.96
O4 JB9 D . -17.24 0.43 -19.68
O5 JB9 D . -19.32 2.00 -22.26
O6 JB9 D . -19.13 3.48 -19.99
O7 JB9 D . -16.07 2.09 -25.63
OAR JB9 D . -15.39 1.78 -19.12
OAU JB9 D . -17.77 0.03 -16.93
OAV JB9 D . -13.65 0.75 -17.16
OAX JB9 D . -13.70 3.95 -19.87
OAY JB9 D . -15.61 0.50 -15.18
S SO4 E . -9.22 -14.55 2.31
O1 SO4 E . -10.27 -15.25 3.03
O2 SO4 E . -8.39 -15.51 1.60
O3 SO4 E . -8.39 -13.79 3.24
O4 SO4 E . -9.83 -13.63 1.35
C4 JB9 F . 1.97 10.34 25.29
C5 JB9 F . 1.60 11.71 25.81
C6 JB9 F . 0.23 12.13 25.26
C7 JB9 F . 4.80 9.05 29.06
C8 JB9 F . 6.28 8.83 29.41
N2 JB9 F . 4.59 9.68 27.90
C3 JB9 F . 3.30 9.92 25.88
C1 JB9 F . 2.84 11.40 27.79
C2 JB9 F . 3.25 9.99 27.39
CAL JB9 F . 3.90 12.37 29.63
CAM JB9 F . 3.40 13.82 29.80
CAN JB9 F . 2.12 14.17 29.03
CAO JB9 F . 0.41 9.71 20.69
CAP JB9 F . 0.49 8.21 20.82
CAQ JB9 F . 0.18 7.83 22.25
CAS JB9 F . 1.11 9.88 23.06
CAT JB9 F . 1.40 10.32 21.64
CAW JB9 F . 0.24 6.30 22.39
CAZ JB9 F . -0.36 10.05 18.47
CBA JB9 F . 0.14 10.21 17.03
CBB JB9 F . 0.63 11.32 16.51
CBF JB9 F . 1.51 11.86 14.23
CBG JB9 F . 2.90 11.84 14.32
CBH JB9 F . 3.65 12.75 13.57
CBI JB9 F . 5.03 12.75 13.65
CBJ JB9 F . 5.68 11.83 14.48
CBK JB9 F . 4.94 10.93 15.23
CBL JB9 F . 3.55 10.94 15.15
CBM JB9 F . 5.81 13.69 12.88
CBN JB9 F . 6.49 14.47 12.23
CBO JB9 F . 7.32 15.41 11.45
CBQ JB9 F . 8.33 14.33 9.45
NBC JB9 F . 0.93 10.96 15.26
NBD JB9 F . 0.63 9.76 15.09
NBE JB9 F . 0.16 9.27 16.10
NBP JB9 F . 8.36 14.66 10.75
NBR JB9 F . 7.28 14.68 8.69
NBS JB9 F . 9.34 13.64 8.90
O1 JB9 F . 2.82 11.52 29.22
O3 JB9 F . 3.61 8.59 25.46
O4 JB9 F . 2.14 10.44 23.88
O5 JB9 F . 1.55 11.71 27.26
O6 JB9 F . -0.79 11.27 25.78
O7 JB9 F . 3.91 8.64 29.80
OAR JB9 F . 1.15 8.44 23.14
OAU JB9 F . 1.33 11.76 21.55
OAV JB9 F . 1.82 7.78 20.50
OAX JB9 F . -0.34 5.91 23.63
OAY JB9 F . 0.76 10.10 19.35
#